data_8IXW
#
_entry.id   8IXW
#
_cell.length_a   50.486
_cell.length_b   51.342
_cell.length_c   52.706
_cell.angle_alpha   106.865
_cell.angle_beta   108.918
_cell.angle_gamma   108.022
#
_symmetry.space_group_name_H-M   'P 1'
#
loop_
_entity.id
_entity.type
_entity.pdbx_description
1 polymer 'Chains: A,B'
2 non-polymer selenourea
3 water water
#
_entity_poly.entity_id   1
_entity_poly.type   'polypeptide(L)'
_entity_poly.pdbx_seq_one_letter_code
;MAQIPTLREGQGKLYDFTLNGMTVTRDTVNTVVALEFLVNASPDLLSLTIGEGLSEETKFKHLLVKHAGMTRKRIEERLG
RISRRVSVTVDAIIITNRKGQRFEFNRKQYLDIAKQAMKLKLPGINCVDIPTALAFLEEVLATALKDTEGSQDDRMALKA
DTSAAINHFREMLK
;
_entity_poly.pdbx_strand_id   A,B
#
# COMPACT_ATOMS: atom_id res chain seq x y z
N MET A 1 11.67 6.01 -10.39
CA MET A 1 10.46 6.60 -9.76
C MET A 1 9.43 5.54 -9.37
N ALA A 2 8.67 5.84 -8.32
CA ALA A 2 7.53 5.04 -7.92
C ALA A 2 6.51 5.98 -7.31
N GLN A 3 5.29 5.49 -7.14
CA GLN A 3 4.23 6.29 -6.54
C GLN A 3 3.28 5.38 -5.79
N ILE A 4 2.44 6.01 -4.97
CA ILE A 4 1.37 5.27 -4.31
C ILE A 4 0.41 4.75 -5.38
N PRO A 5 0.17 3.42 -5.31
CA PRO A 5 -0.59 2.66 -6.29
C PRO A 5 -2.06 3.01 -6.37
N THR A 6 -2.55 3.81 -5.44
CA THR A 6 -3.95 4.24 -5.42
C THR A 6 -4.04 5.56 -6.21
N LEU A 7 -3.69 5.60 -7.50
CA LEU A 7 -3.64 6.84 -8.32
C LEU A 7 -2.95 7.92 -7.50
N LEU A 14 -13.04 16.30 -11.22
CA LEU A 14 -13.00 14.96 -10.57
C LEU A 14 -14.22 14.79 -9.62
N TYR A 15 -14.34 15.68 -8.62
CA TYR A 15 -15.35 15.87 -7.54
C TYR A 15 -16.43 14.81 -7.34
N ASP A 16 -16.14 13.71 -6.64
CA ASP A 16 -17.19 12.72 -6.37
C ASP A 16 -17.27 12.38 -4.88
N PHE A 17 -16.99 13.34 -4.01
CA PHE A 17 -17.21 13.20 -2.58
C PHE A 17 -17.96 14.42 -2.06
N THR A 18 -18.66 14.24 -0.95
CA THR A 18 -19.45 15.30 -0.32
C THR A 18 -18.95 15.55 1.10
N LEU A 19 -18.87 16.82 1.47
CA LEU A 19 -18.42 17.21 2.81
C LEU A 19 -19.09 18.51 3.19
N ASN A 20 -19.88 18.47 4.27
CA ASN A 20 -20.59 19.64 4.79
C ASN A 20 -21.38 20.34 3.69
N GLY A 21 -22.13 19.55 2.93
CA GLY A 21 -23.02 20.10 1.92
C GLY A 21 -22.34 20.56 0.65
N MET A 22 -21.06 20.26 0.47
CA MET A 22 -20.32 20.66 -0.71
C MET A 22 -19.59 19.45 -1.28
N THR A 23 -19.42 19.43 -2.60
CA THR A 23 -18.74 18.33 -3.27
C THR A 23 -17.26 18.64 -3.42
N VAL A 24 -16.42 17.62 -3.21
CA VAL A 24 -14.98 17.78 -3.17
C VAL A 24 -14.32 16.58 -3.86
N THR A 25 -13.05 16.77 -4.22
CA THR A 25 -12.27 15.68 -4.81
C THR A 25 -11.82 14.70 -3.74
N ARG A 26 -11.38 13.52 -4.20
CA ARG A 26 -10.71 12.59 -3.29
C ARG A 26 -9.42 13.20 -2.75
N ASP A 27 -8.72 13.97 -3.58
CA ASP A 27 -7.50 14.63 -3.11
C ASP A 27 -7.80 15.55 -1.92
N THR A 28 -8.88 16.33 -2.01
CA THR A 28 -9.26 17.18 -0.89
C THR A 28 -9.63 16.34 0.33
N VAL A 29 -10.44 15.31 0.12
CA VAL A 29 -10.84 14.45 1.23
C VAL A 29 -9.62 13.87 1.93
N ASN A 30 -8.66 13.36 1.16
CA ASN A 30 -7.47 12.78 1.76
C ASN A 30 -6.72 13.78 2.61
N THR A 31 -6.57 15.01 2.11
CA THR A 31 -5.87 16.04 2.84
C THR A 31 -6.64 16.43 4.10
N VAL A 32 -7.96 16.57 4.00
CA VAL A 32 -8.78 16.91 5.14
C VAL A 32 -8.65 15.85 6.22
N VAL A 33 -8.81 14.58 5.85
CA VAL A 33 -8.81 13.52 6.84
C VAL A 33 -7.45 13.39 7.49
N ALA A 34 -6.38 13.59 6.72
CA ALA A 34 -5.04 13.51 7.30
C ALA A 34 -4.80 14.63 8.30
N LEU A 35 -5.20 15.85 7.93
CA LEU A 35 -5.01 16.99 8.84
C LEU A 35 -5.87 16.84 10.08
N GLU A 36 -7.11 16.36 9.94
CA GLU A 36 -7.96 16.19 11.11
C GLU A 36 -7.37 15.15 12.07
N PHE A 37 -6.80 14.07 11.52
CA PHE A 37 -6.13 13.08 12.36
C PHE A 37 -4.91 13.69 13.04
N LEU A 38 -4.14 14.48 12.30
CA LEU A 38 -2.96 15.13 12.86
C LEU A 38 -3.32 15.98 14.07
N VAL A 39 -4.44 16.72 13.99
CA VAL A 39 -4.81 17.62 15.07
C VAL A 39 -5.46 16.89 16.22
N ASN A 40 -6.35 15.92 15.93
CA ASN A 40 -7.26 15.40 16.93
C ASN A 40 -6.96 13.99 17.43
N ALA A 41 -6.09 13.23 16.76
CA ALA A 41 -5.69 11.95 17.33
C ALA A 41 -4.98 12.20 18.65
N SER A 42 -5.13 11.27 19.59
CA SER A 42 -4.46 11.41 20.87
C SER A 42 -2.94 11.40 20.65
N PRO A 43 -2.17 12.04 21.54
CA PRO A 43 -0.72 11.97 21.41
C PRO A 43 -0.19 10.55 21.31
N ASP A 44 -0.79 9.61 22.06
CA ASP A 44 -0.34 8.22 22.00
C ASP A 44 -0.65 7.60 20.64
N LEU A 45 -1.85 7.83 20.12
CA LEU A 45 -2.21 7.27 18.83
C LEU A 45 -1.36 7.87 17.71
N LEU A 46 -1.08 9.18 17.78
CA LEU A 46 -0.24 9.81 16.77
C LEU A 46 1.17 9.24 16.82
N SER A 47 1.73 9.13 18.03
CA SER A 47 3.07 8.56 18.16
C SER A 47 3.12 7.14 17.59
N LEU A 48 2.11 6.32 17.90
CA LEU A 48 2.10 4.96 17.41
C LEU A 48 1.93 4.92 15.89
N THR A 49 1.17 5.86 15.33
CA THR A 49 0.86 5.83 13.91
C THR A 49 2.03 6.29 13.05
N ILE A 50 2.69 7.39 13.40
CA ILE A 50 3.75 7.94 12.56
C ILE A 50 5.09 8.08 13.27
N GLY A 51 5.14 7.90 14.58
CA GLY A 51 6.40 8.05 15.27
C GLY A 51 6.70 9.52 15.54
N GLU A 52 7.88 9.72 16.12
CA GLU A 52 8.36 11.02 16.65
C GLU A 52 9.54 11.57 15.86
N GLY A 53 9.81 12.87 16.02
CA GLY A 53 10.92 13.50 15.38
C GLY A 53 10.66 13.98 13.96
N LEU A 54 9.42 13.92 13.50
CA LEU A 54 9.09 14.37 12.16
C LEU A 54 8.68 15.83 12.17
N SER A 55 8.98 16.52 11.07
CA SER A 55 8.45 17.86 10.87
C SER A 55 6.94 17.80 10.65
N GLU A 56 6.28 18.94 10.83
CA GLU A 56 4.83 18.97 10.67
C GLU A 56 4.42 18.59 9.24
N GLU A 57 5.19 19.03 8.24
CA GLU A 57 4.85 18.68 6.86
C GLU A 57 5.09 17.20 6.59
N THR A 58 6.12 16.63 7.21
CA THR A 58 6.38 15.20 7.04
C THR A 58 5.34 14.36 7.79
N LYS A 59 4.89 14.82 8.96
CA LYS A 59 3.77 14.17 9.63
C LYS A 59 2.57 14.09 8.69
N PHE A 60 2.24 15.21 8.03
CA PHE A 60 1.11 15.22 7.10
C PHE A 60 1.36 14.24 5.95
N LYS A 61 2.56 14.27 5.36
CA LYS A 61 2.86 13.39 4.23
C LYS A 61 2.64 11.92 4.60
N HIS A 62 3.10 11.52 5.79
CA HIS A 62 3.00 10.11 6.15
C HIS A 62 1.57 9.74 6.51
N LEU A 63 0.84 10.65 7.14
CA LEU A 63 -0.58 10.42 7.39
C LEU A 63 -1.38 10.41 6.09
N LEU A 64 -1.02 11.27 5.14
CA LEU A 64 -1.76 11.35 3.89
C LEU A 64 -1.74 10.01 3.16
N VAL A 65 -0.54 9.46 2.94
CA VAL A 65 -0.48 8.26 2.11
C VAL A 65 -1.15 7.09 2.79
N LYS A 66 -1.21 7.09 4.13
CA LYS A 66 -1.96 6.05 4.82
C LYS A 66 -3.46 6.19 4.54
N HIS A 67 -3.98 7.41 4.57
CA HIS A 67 -5.41 7.61 4.34
C HIS A 67 -5.77 7.51 2.87
N ALA A 68 -4.86 7.87 1.97
CA ALA A 68 -5.16 7.83 0.55
C ALA A 68 -5.40 6.40 0.05
N GLY A 69 -4.96 5.40 0.82
CA GLY A 69 -5.23 4.03 0.48
C GLY A 69 -6.54 3.48 0.96
N MET A 70 -7.28 4.26 1.75
CA MET A 70 -8.57 3.82 2.27
C MET A 70 -9.57 3.64 1.12
N THR A 71 -10.50 2.71 1.31
CA THR A 71 -11.61 2.56 0.37
C THR A 71 -12.49 3.80 0.40
N ARG A 72 -13.24 4.00 -0.69
CA ARG A 72 -14.27 5.03 -0.67
C ARG A 72 -15.19 4.83 0.53
N LYS A 73 -15.63 3.59 0.75
CA LYS A 73 -16.56 3.31 1.83
C LYS A 73 -15.99 3.75 3.17
N ARG A 74 -14.73 3.42 3.43
CA ARG A 74 -14.15 3.69 4.74
C ARG A 74 -13.85 5.17 4.92
N ILE A 75 -13.41 5.85 3.86
CA ILE A 75 -13.13 7.28 4.01
C ILE A 75 -14.42 8.09 4.03
N GLU A 76 -15.50 7.59 3.42
CA GLU A 76 -16.80 8.23 3.60
C GLU A 76 -17.29 8.08 5.04
N GLU A 77 -17.03 6.91 5.64
CA GLU A 77 -17.37 6.72 7.05
C GLU A 77 -16.58 7.68 7.93
N ARG A 78 -15.29 7.85 7.63
CA ARG A 78 -14.48 8.83 8.36
C ARG A 78 -15.01 10.23 8.16
N LEU A 79 -15.25 10.61 6.90
CA LEU A 79 -15.75 11.96 6.61
C LEU A 79 -17.01 12.25 7.42
N GLY A 80 -17.91 11.28 7.50
CA GLY A 80 -19.11 11.47 8.29
C GLY A 80 -18.82 11.71 9.75
N ARG A 81 -17.87 10.94 10.32
CA ARG A 81 -17.59 11.04 11.74
C ARG A 81 -17.00 12.40 12.10
N ILE A 82 -16.15 12.96 11.24
CA ILE A 82 -15.37 14.15 11.58
C ILE A 82 -15.85 15.40 10.86
N SER A 83 -16.90 15.30 10.04
CA SER A 83 -17.26 16.43 9.18
C SER A 83 -17.49 17.70 9.98
N ARG A 84 -18.05 17.57 11.19
CA ARG A 84 -18.34 18.75 11.98
C ARG A 84 -17.08 19.40 12.55
N ARG A 85 -15.96 18.69 12.54
CA ARG A 85 -14.71 19.21 13.07
C ARG A 85 -13.90 19.99 12.03
N VAL A 86 -14.36 20.04 10.79
CA VAL A 86 -13.55 20.54 9.69
C VAL A 86 -14.33 21.57 8.91
N SER A 87 -13.60 22.51 8.31
CA SER A 87 -14.17 23.55 7.46
C SER A 87 -13.24 23.78 6.30
N VAL A 88 -13.73 23.54 5.08
CA VAL A 88 -12.97 23.81 3.87
C VAL A 88 -13.46 25.15 3.30
N THR A 89 -12.58 26.14 3.31
CA THR A 89 -12.86 27.45 2.75
C THR A 89 -12.08 27.61 1.45
N VAL A 90 -12.24 28.78 0.81
CA VAL A 90 -11.53 29.01 -0.45
C VAL A 90 -10.03 28.84 -0.26
N ASP A 91 -9.47 29.37 0.83
CA ASP A 91 -8.04 29.40 1.01
C ASP A 91 -7.51 28.40 2.04
N ALA A 92 -8.37 27.84 2.89
CA ALA A 92 -7.87 27.11 4.05
C ALA A 92 -8.68 25.84 4.32
N ILE A 93 -8.03 24.91 5.01
CA ILE A 93 -8.70 23.81 5.69
C ILE A 93 -8.55 24.05 7.18
N ILE A 94 -9.66 24.17 7.89
CA ILE A 94 -9.65 24.53 9.30
C ILE A 94 -10.13 23.34 10.12
N ILE A 95 -9.31 22.92 11.08
CA ILE A 95 -9.60 21.81 11.97
C ILE A 95 -9.84 22.37 13.37
N THR A 96 -10.95 21.99 13.99
CA THR A 96 -11.25 22.39 15.35
C THR A 96 -10.95 21.21 16.27
N ASN A 97 -10.24 21.48 17.37
CA ASN A 97 -9.92 20.42 18.31
C ASN A 97 -11.04 20.32 19.35
N ARG A 98 -10.88 19.41 20.30
CA ARG A 98 -11.94 19.09 21.26
C ARG A 98 -12.23 20.24 22.22
N LYS A 99 -11.36 21.23 22.28
CA LYS A 99 -11.56 22.40 23.12
C LYS A 99 -12.11 23.60 22.36
N GLY A 100 -12.30 23.48 21.05
CA GLY A 100 -12.76 24.58 20.24
C GLY A 100 -11.68 25.40 19.59
N GLN A 101 -10.41 25.06 19.79
CA GLN A 101 -9.34 25.81 19.12
C GLN A 101 -9.28 25.43 17.65
N ARG A 102 -9.11 26.44 16.81
CA ARG A 102 -9.07 26.24 15.36
C ARG A 102 -7.64 26.26 14.86
N PHE A 103 -7.33 25.33 13.97
CA PHE A 103 -6.00 25.23 13.35
C PHE A 103 -6.18 25.39 11.86
N GLU A 104 -5.58 26.44 11.29
CA GLU A 104 -5.74 26.77 9.88
C GLU A 104 -4.57 26.22 9.09
N PHE A 105 -4.87 25.56 7.97
CA PHE A 105 -3.87 25.04 7.04
C PHE A 105 -4.17 25.56 5.65
N ASN A 106 -3.15 26.10 4.99
CA ASN A 106 -3.32 26.69 3.67
C ASN A 106 -3.60 25.60 2.64
N ARG A 107 -4.73 25.71 1.93
CA ARG A 107 -5.14 24.67 1.00
C ARG A 107 -4.09 24.48 -0.10
N LYS A 108 -3.74 25.57 -0.79
CA LYS A 108 -2.70 25.51 -1.81
C LYS A 108 -1.50 24.72 -1.33
N GLN A 109 -0.95 25.16 -0.19
CA GLN A 109 0.29 24.58 0.33
C GLN A 109 0.16 23.08 0.55
N TYR A 110 -0.96 22.64 1.13
CA TYR A 110 -1.08 21.23 1.48
C TYR A 110 -1.56 20.37 0.32
N LEU A 111 -2.23 20.96 -0.64
CA LEU A 111 -2.56 20.21 -1.86
C LEU A 111 -1.24 19.98 -2.61
N ASP A 112 -0.27 20.90 -2.59
CA ASP A 112 1.02 20.65 -3.23
C ASP A 112 1.84 19.61 -2.46
N ILE A 113 1.84 19.69 -1.12
CA ILE A 113 2.55 18.69 -0.33
C ILE A 113 1.95 17.31 -0.57
N ALA A 114 0.62 17.24 -0.65
CA ALA A 114 -0.03 15.95 -0.88
C ALA A 114 0.39 15.36 -2.22
N LYS A 115 0.46 16.20 -3.26
CA LYS A 115 0.87 15.69 -4.57
C LYS A 115 2.33 15.25 -4.58
N GLN A 116 3.20 15.92 -3.81
CA GLN A 116 4.55 15.38 -3.62
C GLN A 116 4.48 13.99 -3.03
N ALA A 117 3.71 13.83 -1.95
CA ALA A 117 3.70 12.57 -1.21
C ALA A 117 3.12 11.43 -2.04
N MET A 118 2.03 11.69 -2.78
CA MET A 118 1.41 10.64 -3.57
C MET A 118 2.35 10.13 -4.66
N LYS A 119 3.24 10.99 -5.14
CA LYS A 119 4.24 10.61 -6.13
C LYS A 119 5.60 10.28 -5.51
N LEU A 120 5.67 10.23 -4.19
CA LEU A 120 6.90 9.87 -3.48
C LEU A 120 8.09 10.70 -3.97
N LYS A 121 7.85 12.00 -4.17
CA LYS A 121 8.87 12.93 -4.65
C LYS A 121 9.54 13.63 -3.49
N LEU A 122 10.87 13.79 -3.58
CA LEU A 122 11.61 14.68 -2.69
C LEU A 122 12.14 15.85 -3.51
N PRO A 123 11.66 17.08 -3.29
CA PRO A 123 12.15 18.21 -4.10
C PRO A 123 13.65 18.40 -3.94
N GLY A 124 14.35 18.40 -5.07
CA GLY A 124 15.78 18.66 -5.08
C GLY A 124 16.66 17.50 -4.69
N ILE A 125 16.09 16.32 -4.45
CA ILE A 125 16.85 15.15 -4.05
C ILE A 125 16.55 14.03 -5.05
N ASN A 126 17.60 13.39 -5.55
CA ASN A 126 17.48 12.36 -6.58
C ASN A 126 17.19 10.99 -5.95
N CYS A 127 16.03 10.89 -5.31
CA CYS A 127 15.62 9.61 -4.74
C CYS A 127 14.14 9.63 -4.44
N VAL A 128 13.53 8.44 -4.52
CA VAL A 128 12.19 8.24 -4.00
C VAL A 128 12.15 8.68 -2.53
N ASP A 129 11.00 9.22 -2.13
CA ASP A 129 10.76 9.53 -0.72
C ASP A 129 10.59 8.22 0.03
N ILE A 130 11.71 7.61 0.43
CA ILE A 130 11.67 6.30 1.07
C ILE A 130 10.85 6.31 2.36
N PRO A 131 11.01 7.29 3.27
CA PRO A 131 10.21 7.25 4.50
C PRO A 131 8.72 7.32 4.24
N THR A 132 8.28 8.08 3.25
CA THR A 132 6.85 8.14 2.95
C THR A 132 6.39 6.82 2.33
N ALA A 133 7.21 6.22 1.46
CA ALA A 133 6.87 4.92 0.90
C ALA A 133 6.74 3.87 2.00
N LEU A 134 7.64 3.91 2.99
CA LEU A 134 7.56 2.97 4.10
C LEU A 134 6.33 3.24 4.97
N ALA A 135 5.94 4.51 5.11
CA ALA A 135 4.72 4.83 5.82
C ALA A 135 3.51 4.19 5.13
N PHE A 136 3.49 4.20 3.80
CA PHE A 136 2.43 3.53 3.08
C PHE A 136 2.50 2.01 3.27
N LEU A 137 3.71 1.44 3.20
CA LEU A 137 3.85 -0.01 3.34
C LEU A 137 3.48 -0.47 4.74
N GLU A 138 3.63 0.41 5.75
CA GLU A 138 3.14 0.09 7.08
C GLU A 138 1.65 -0.17 7.07
N GLU A 139 0.90 0.64 6.31
CA GLU A 139 -0.54 0.44 6.19
C GLU A 139 -0.86 -0.86 5.46
N VAL A 140 -0.09 -1.19 4.42
CA VAL A 140 -0.27 -2.47 3.76
C VAL A 140 -0.07 -3.60 4.75
N LEU A 141 1.01 -3.52 5.54
CA LEU A 141 1.31 -4.57 6.51
C LEU A 141 0.20 -4.68 7.55
N ALA A 142 -0.21 -3.56 8.14
CA ALA A 142 -1.25 -3.59 9.16
C ALA A 142 -2.53 -4.20 8.61
N THR A 143 -2.89 -3.85 7.37
CA THR A 143 -4.12 -4.38 6.78
C THR A 143 -3.97 -5.88 6.48
N ALA A 144 -2.82 -6.29 5.96
CA ALA A 144 -2.60 -7.71 5.69
C ALA A 144 -2.60 -8.52 6.98
N LEU A 145 -2.11 -7.94 8.08
CA LEU A 145 -2.08 -8.67 9.34
C LEU A 145 -3.48 -8.93 9.87
N LYS A 146 -4.32 -7.89 9.92
CA LYS A 146 -5.72 -8.10 10.32
C LYS A 146 -6.33 -9.22 9.50
N ASP A 147 -6.02 -9.23 8.20
CA ASP A 147 -6.60 -10.13 7.22
C ASP A 147 -6.20 -11.58 7.46
N THR A 148 -5.27 -11.83 8.39
CA THR A 148 -4.83 -13.18 8.73
C THR A 148 -5.25 -13.62 10.13
N GLU A 149 -6.05 -12.82 10.83
CA GLU A 149 -6.16 -13.00 12.28
C GLU A 149 -6.88 -14.28 12.67
N GLY A 150 -7.42 -15.04 11.71
CA GLY A 150 -7.98 -16.33 12.01
C GLY A 150 -7.07 -17.47 11.60
N SER A 151 -5.79 -17.17 11.37
CA SER A 151 -4.82 -18.19 10.94
C SER A 151 -3.47 -17.83 11.52
N GLN A 152 -3.07 -18.55 12.58
CA GLN A 152 -1.76 -18.33 13.19
C GLN A 152 -0.64 -18.56 12.19
N ASP A 153 -0.81 -19.53 11.29
CA ASP A 153 0.24 -19.82 10.31
C ASP A 153 0.44 -18.65 9.35
N ASP A 154 -0.66 -18.12 8.80
CA ASP A 154 -0.55 -17.05 7.82
C ASP A 154 0.04 -15.80 8.46
N ARG A 155 -0.35 -15.50 9.69
CA ARG A 155 0.22 -14.34 10.39
C ARG A 155 1.71 -14.54 10.64
N MET A 156 2.11 -15.74 11.08
CA MET A 156 3.52 -16.02 11.33
C MET A 156 4.33 -15.92 10.06
N ALA A 157 3.81 -16.44 8.95
CA ALA A 157 4.54 -16.36 7.69
C ALA A 157 4.70 -14.91 7.24
N LEU A 158 3.67 -14.10 7.44
CA LEU A 158 3.72 -12.70 7.03
C LEU A 158 4.75 -11.93 7.86
N LYS A 159 4.73 -12.12 9.19
CA LYS A 159 5.72 -11.46 10.04
C LYS A 159 7.13 -11.93 9.72
N ALA A 160 7.32 -13.25 9.56
CA ALA A 160 8.66 -13.78 9.33
C ALA A 160 9.23 -13.28 8.00
N ASP A 161 8.41 -13.27 6.95
CA ASP A 161 8.89 -12.82 5.65
C ASP A 161 9.15 -11.32 5.65
N THR A 162 8.29 -10.54 6.28
CA THR A 162 8.52 -9.09 6.33
C THR A 162 9.71 -8.77 7.21
N SER A 163 9.83 -9.46 8.35
CA SER A 163 10.98 -9.21 9.23
C SER A 163 12.29 -9.50 8.51
N ALA A 164 12.36 -10.59 7.76
CA ALA A 164 13.58 -10.89 7.01
C ALA A 164 13.91 -9.77 6.04
N ALA A 165 12.90 -9.25 5.35
CA ALA A 165 13.12 -8.20 4.36
C ALA A 165 13.54 -6.90 5.03
N ILE A 166 12.91 -6.55 6.16
CA ILE A 166 13.25 -5.29 6.82
C ILE A 166 14.64 -5.38 7.44
N ASN A 167 15.05 -6.57 7.89
CA ASN A 167 16.40 -6.72 8.43
C ASN A 167 17.45 -6.60 7.32
N HIS A 168 17.19 -7.22 6.17
CA HIS A 168 18.10 -7.07 5.03
C HIS A 168 18.27 -5.60 4.68
N PHE A 169 17.21 -4.81 4.82
CA PHE A 169 17.24 -3.39 4.50
C PHE A 169 17.97 -2.61 5.58
N ARG A 170 17.88 -3.05 6.83
CA ARG A 170 18.72 -2.49 7.89
C ARG A 170 20.20 -2.70 7.58
N GLU A 171 20.57 -3.93 7.23
CA GLU A 171 21.98 -4.24 6.98
C GLU A 171 22.55 -3.36 5.88
N MET A 172 21.73 -3.00 4.89
CA MET A 172 22.21 -2.17 3.78
C MET A 172 22.61 -0.79 4.27
N LEU A 173 22.00 -0.30 5.35
CA LEU A 173 22.30 1.02 5.89
C LEU A 173 23.32 1.01 7.02
N LYS A 174 23.80 -0.16 7.42
CA LYS A 174 24.63 -0.28 8.62
C LYS A 174 26.11 -0.22 8.27
N LYS B 13 15.54 -30.31 -10.35
CA LYS B 13 14.45 -29.47 -9.84
C LYS B 13 13.36 -29.35 -10.89
N LEU B 14 12.11 -29.28 -10.42
CA LEU B 14 10.96 -29.24 -11.33
C LEU B 14 10.90 -27.87 -12.00
N TYR B 15 10.77 -27.86 -13.32
CA TYR B 15 10.72 -26.58 -14.03
C TYR B 15 9.43 -25.85 -13.74
N ASP B 16 8.31 -26.57 -13.79
CA ASP B 16 7.01 -25.99 -13.52
C ASP B 16 6.72 -26.05 -12.02
N PHE B 17 5.46 -25.88 -11.62
CA PHE B 17 5.03 -25.86 -10.24
C PHE B 17 4.04 -26.99 -9.98
N THR B 18 3.82 -27.30 -8.71
CA THR B 18 2.83 -28.28 -8.30
C THR B 18 1.76 -27.61 -7.45
N LEU B 19 0.50 -27.78 -7.82
CA LEU B 19 -0.62 -27.21 -7.09
C LEU B 19 -1.67 -28.31 -6.90
N ASN B 20 -1.88 -28.72 -5.66
CA ASN B 20 -2.87 -29.75 -5.33
C ASN B 20 -2.66 -31.00 -6.17
N GLY B 21 -1.41 -31.41 -6.30
CA GLY B 21 -1.06 -32.61 -7.04
C GLY B 21 -1.02 -32.45 -8.55
N MET B 22 -1.23 -31.25 -9.06
CA MET B 22 -1.24 -30.98 -10.49
C MET B 22 -0.02 -30.16 -10.88
N THR B 23 0.66 -30.56 -11.95
CA THR B 23 1.74 -29.77 -12.52
C THR B 23 1.13 -28.60 -13.29
N VAL B 24 1.53 -27.38 -12.93
CA VAL B 24 1.01 -26.17 -13.57
C VAL B 24 2.16 -25.24 -13.92
N THR B 25 2.03 -24.55 -15.05
CA THR B 25 3.05 -23.60 -15.48
C THR B 25 2.97 -22.32 -14.64
N ARG B 26 4.02 -21.51 -14.75
CA ARG B 26 4.02 -20.22 -14.08
C ARG B 26 2.86 -19.34 -14.54
N ASP B 27 2.46 -19.45 -15.81
CA ASP B 27 1.31 -18.68 -16.29
C ASP B 27 0.06 -19.02 -15.47
N THR B 28 -0.19 -20.30 -15.23
CA THR B 28 -1.33 -20.69 -14.42
C THR B 28 -1.16 -20.26 -12.98
N VAL B 29 0.07 -20.38 -12.45
CA VAL B 29 0.33 -19.96 -11.08
C VAL B 29 0.01 -18.48 -10.91
N ASN B 30 0.50 -17.65 -11.83
CA ASN B 30 0.26 -16.21 -11.73
C ASN B 30 -1.24 -15.89 -11.74
N THR B 31 -2.00 -16.56 -12.62
CA THR B 31 -3.42 -16.30 -12.73
C THR B 31 -4.17 -16.79 -11.50
N VAL B 32 -3.84 -17.98 -11.01
CA VAL B 32 -4.46 -18.50 -9.80
C VAL B 32 -4.18 -17.56 -8.62
N VAL B 33 -2.92 -17.18 -8.45
CA VAL B 33 -2.54 -16.36 -7.31
C VAL B 33 -3.21 -14.99 -7.37
N ALA B 34 -3.30 -14.40 -8.56
CA ALA B 34 -3.94 -13.09 -8.70
C ALA B 34 -5.43 -13.18 -8.43
N LEU B 35 -6.06 -14.26 -8.87
CA LEU B 35 -7.49 -14.43 -8.64
C LEU B 35 -7.78 -14.71 -7.17
N GLU B 36 -6.91 -15.47 -6.50
CA GLU B 36 -7.10 -15.70 -5.08
C GLU B 36 -6.98 -14.38 -4.31
N PHE B 37 -6.02 -13.55 -4.68
CA PHE B 37 -5.88 -12.24 -4.05
C PHE B 37 -7.14 -11.40 -4.27
N LEU B 38 -7.60 -11.34 -5.52
CA LEU B 38 -8.80 -10.56 -5.84
C LEU B 38 -9.99 -10.97 -4.98
N VAL B 39 -10.16 -12.27 -4.76
CA VAL B 39 -11.33 -12.76 -4.04
C VAL B 39 -11.14 -12.62 -2.53
N ASN B 40 -9.95 -12.93 -2.03
CA ASN B 40 -9.76 -13.10 -0.60
C ASN B 40 -9.05 -11.97 0.11
N ALA B 41 -8.35 -11.10 -0.60
CA ALA B 41 -7.84 -9.89 0.03
C ALA B 41 -9.02 -9.04 0.51
N SER B 42 -8.87 -8.43 1.66
CA SER B 42 -9.92 -7.55 2.16
C SER B 42 -10.07 -6.37 1.18
N PRO B 43 -11.26 -5.79 1.10
CA PRO B 43 -11.41 -4.57 0.29
C PRO B 43 -10.42 -3.49 0.68
N ASP B 44 -10.06 -3.42 1.97
CA ASP B 44 -9.06 -2.45 2.41
C ASP B 44 -7.70 -2.75 1.78
N LEU B 45 -7.30 -4.02 1.80
CA LEU B 45 -6.02 -4.41 1.19
C LEU B 45 -6.05 -4.18 -0.31
N LEU B 46 -7.14 -4.55 -0.98
CA LEU B 46 -7.23 -4.34 -2.42
C LEU B 46 -7.06 -2.86 -2.77
N SER B 47 -7.71 -1.98 -2.02
CA SER B 47 -7.60 -0.55 -2.30
C SER B 47 -6.16 -0.08 -2.15
N LEU B 48 -5.47 -0.55 -1.12
CA LEU B 48 -4.08 -0.18 -0.92
C LEU B 48 -3.21 -0.66 -2.07
N THR B 49 -3.51 -1.83 -2.62
CA THR B 49 -2.58 -2.48 -3.54
C THR B 49 -2.82 -2.11 -5.00
N ILE B 50 -4.07 -1.92 -5.43
CA ILE B 50 -4.33 -1.61 -6.84
C ILE B 50 -5.18 -0.37 -7.03
N GLY B 51 -5.70 0.18 -5.94
CA GLY B 51 -6.61 1.31 -6.02
C GLY B 51 -8.03 0.85 -6.28
N GLU B 52 -8.91 1.83 -6.44
CA GLU B 52 -10.31 1.61 -6.77
C GLU B 52 -10.60 2.23 -8.13
N GLY B 53 -11.86 2.17 -8.56
CA GLY B 53 -12.22 2.68 -9.85
C GLY B 53 -11.85 1.81 -11.02
N LEU B 54 -11.50 0.56 -10.78
CA LEU B 54 -11.14 -0.38 -11.83
C LEU B 54 -12.26 -1.38 -12.05
N SER B 55 -12.49 -1.71 -13.31
CA SER B 55 -13.42 -2.78 -13.65
C SER B 55 -12.89 -4.11 -13.13
N GLU B 56 -13.78 -5.11 -13.07
CA GLU B 56 -13.39 -6.41 -12.54
C GLU B 56 -12.26 -7.02 -13.35
N GLU B 57 -12.31 -6.91 -14.67
CA GLU B 57 -11.23 -7.45 -15.49
C GLU B 57 -9.94 -6.68 -15.25
N THR B 58 -10.02 -5.37 -15.08
CA THR B 58 -8.81 -4.57 -14.90
C THR B 58 -8.19 -4.82 -13.53
N LYS B 59 -9.02 -5.05 -12.50
CA LYS B 59 -8.48 -5.45 -11.20
C LYS B 59 -7.61 -6.68 -11.34
N PHE B 60 -8.09 -7.69 -12.08
CA PHE B 60 -7.29 -8.89 -12.27
C PHE B 60 -6.03 -8.59 -13.06
N LYS B 61 -6.14 -7.79 -14.11
CA LYS B 61 -4.98 -7.47 -14.94
C LYS B 61 -3.89 -6.82 -14.11
N HIS B 62 -4.25 -5.85 -13.27
CA HIS B 62 -3.28 -5.20 -12.40
C HIS B 62 -2.69 -6.18 -11.39
N LEU B 63 -3.53 -7.01 -10.77
CA LEU B 63 -3.04 -8.01 -9.84
C LEU B 63 -2.18 -9.04 -10.53
N LEU B 64 -2.50 -9.40 -11.77
CA LEU B 64 -1.69 -10.36 -12.50
C LEU B 64 -0.26 -9.86 -12.67
N VAL B 65 -0.11 -8.70 -13.32
CA VAL B 65 1.22 -8.25 -13.68
C VAL B 65 2.05 -8.00 -12.43
N LYS B 66 1.41 -7.58 -11.33
CA LYS B 66 2.13 -7.38 -10.08
C LYS B 66 2.63 -8.70 -9.52
N HIS B 67 1.79 -9.74 -9.51
CA HIS B 67 2.25 -11.03 -9.01
C HIS B 67 3.26 -11.66 -9.95
N ALA B 68 3.15 -11.41 -11.26
CA ALA B 68 4.12 -11.95 -12.20
C ALA B 68 5.52 -11.43 -11.93
N GLY B 69 5.62 -10.25 -11.32
CA GLY B 69 6.91 -9.69 -10.96
C GLY B 69 7.53 -10.24 -9.71
N MET B 70 6.83 -11.12 -8.99
CA MET B 70 7.41 -11.76 -7.81
C MET B 70 8.40 -12.82 -8.24
N THR B 71 9.45 -13.01 -7.43
CA THR B 71 10.39 -14.09 -7.71
C THR B 71 9.69 -15.44 -7.60
N ARG B 72 10.31 -16.45 -8.21
CA ARG B 72 9.75 -17.80 -8.09
C ARG B 72 9.65 -18.23 -6.63
N LYS B 73 10.70 -17.99 -5.85
CA LYS B 73 10.69 -18.40 -4.46
C LYS B 73 9.50 -17.81 -3.70
N ARG B 74 9.22 -16.53 -3.93
CA ARG B 74 8.11 -15.89 -3.22
C ARG B 74 6.76 -16.37 -3.75
N ILE B 75 6.64 -16.56 -5.06
CA ILE B 75 5.37 -17.01 -5.61
C ILE B 75 5.11 -18.46 -5.24
N GLU B 76 6.16 -19.28 -5.17
CA GLU B 76 5.96 -20.66 -4.75
C GLU B 76 5.57 -20.73 -3.29
N GLU B 77 6.04 -19.79 -2.49
CA GLU B 77 5.63 -19.71 -1.08
C GLU B 77 4.16 -19.34 -0.97
N ARG B 78 3.74 -18.31 -1.71
CA ARG B 78 2.34 -17.93 -1.75
C ARG B 78 1.46 -19.08 -2.21
N LEU B 79 1.89 -19.77 -3.28
CA LEU B 79 1.09 -20.85 -3.83
C LEU B 79 0.82 -21.92 -2.77
N GLY B 80 1.83 -22.27 -1.98
CA GLY B 80 1.62 -23.25 -0.92
C GLY B 80 0.61 -22.79 0.10
N ARG B 81 0.63 -21.51 0.45
CA ARG B 81 -0.25 -21.02 1.51
C ARG B 81 -1.70 -20.90 1.07
N ILE B 82 -1.95 -20.69 -0.22
CA ILE B 82 -3.32 -20.52 -0.71
C ILE B 82 -3.89 -21.80 -1.32
N SER B 83 -3.08 -22.87 -1.42
CA SER B 83 -3.48 -24.05 -2.18
C SER B 83 -4.82 -24.60 -1.71
N ARG B 84 -5.06 -24.56 -0.39
CA ARG B 84 -6.31 -25.08 0.17
C ARG B 84 -7.52 -24.23 -0.17
N ARG B 85 -7.32 -23.04 -0.73
CA ARG B 85 -8.42 -22.17 -1.12
C ARG B 85 -8.65 -22.10 -2.61
N VAL B 86 -7.93 -22.88 -3.41
CA VAL B 86 -8.02 -22.76 -4.87
C VAL B 86 -8.14 -24.14 -5.49
N SER B 87 -8.76 -24.17 -6.66
CA SER B 87 -8.92 -25.40 -7.44
C SER B 87 -8.85 -25.03 -8.91
N VAL B 88 -8.11 -25.84 -9.68
CA VAL B 88 -8.00 -25.68 -11.12
C VAL B 88 -8.71 -26.85 -11.77
N THR B 89 -9.71 -26.56 -12.60
CA THR B 89 -10.44 -27.56 -13.36
C THR B 89 -10.31 -27.23 -14.85
N VAL B 90 -10.83 -28.13 -15.68
CA VAL B 90 -10.74 -27.93 -17.13
C VAL B 90 -11.33 -26.57 -17.51
N ASP B 91 -12.51 -26.25 -16.98
CA ASP B 91 -13.19 -25.04 -17.42
C ASP B 91 -12.97 -23.83 -16.51
N ALA B 92 -12.60 -24.03 -15.25
CA ALA B 92 -12.66 -22.94 -14.29
C ALA B 92 -11.48 -22.95 -13.34
N ILE B 93 -11.19 -21.77 -12.81
CA ILE B 93 -10.41 -21.60 -11.59
C ILE B 93 -11.40 -21.23 -10.50
N ILE B 94 -11.40 -22.00 -9.41
CA ILE B 94 -12.37 -21.83 -8.33
C ILE B 94 -11.64 -21.36 -7.09
N ILE B 95 -12.04 -20.21 -6.57
CA ILE B 95 -11.50 -19.65 -5.33
C ILE B 95 -12.57 -19.76 -4.26
N THR B 96 -12.20 -20.28 -3.09
CA THR B 96 -13.10 -20.36 -1.94
C THR B 96 -12.65 -19.35 -0.91
N ASN B 97 -13.59 -18.56 -0.39
CA ASN B 97 -13.25 -17.55 0.60
C ASN B 97 -13.37 -18.15 2.01
N ARG B 98 -13.12 -17.31 3.02
CA ARG B 98 -13.08 -17.81 4.39
C ARG B 98 -14.45 -18.24 4.89
N LYS B 99 -15.52 -17.84 4.21
CA LYS B 99 -16.88 -18.21 4.57
C LYS B 99 -17.38 -19.42 3.79
N GLY B 100 -16.54 -20.03 2.96
CA GLY B 100 -16.92 -21.18 2.17
C GLY B 100 -17.56 -20.86 0.84
N GLN B 101 -17.76 -19.58 0.53
CA GLN B 101 -18.32 -19.17 -0.75
C GLN B 101 -17.33 -19.42 -1.87
N ARG B 102 -17.83 -19.86 -3.02
CA ARG B 102 -17.01 -20.19 -4.16
C ARG B 102 -17.17 -19.12 -5.24
N PHE B 103 -16.06 -18.63 -5.76
CA PHE B 103 -16.03 -17.68 -6.87
C PHE B 103 -15.29 -18.33 -8.02
N GLU B 104 -15.93 -18.38 -9.19
CA GLU B 104 -15.43 -19.17 -10.30
C GLU B 104 -15.14 -18.28 -11.49
N PHE B 105 -14.05 -18.59 -12.19
CA PHE B 105 -13.56 -17.80 -13.31
C PHE B 105 -13.24 -18.73 -14.46
N ASN B 106 -13.68 -18.38 -15.66
CA ASN B 106 -13.39 -19.19 -16.84
C ASN B 106 -11.87 -19.24 -17.03
N ARG B 107 -11.31 -20.45 -16.97
CA ARG B 107 -9.86 -20.59 -16.90
C ARG B 107 -9.19 -20.11 -18.18
N LYS B 108 -9.73 -20.49 -19.33
CA LYS B 108 -9.11 -20.10 -20.59
C LYS B 108 -9.26 -18.59 -20.82
N GLN B 109 -10.44 -18.04 -20.49
CA GLN B 109 -10.64 -16.61 -20.64
C GLN B 109 -9.61 -15.82 -19.82
N TYR B 110 -9.39 -16.23 -18.57
CA TYR B 110 -8.52 -15.47 -17.70
C TYR B 110 -7.05 -15.72 -17.99
N LEU B 111 -6.69 -16.91 -18.49
CA LEU B 111 -5.34 -17.10 -18.98
C LEU B 111 -5.06 -16.19 -20.17
N ASP B 112 -6.06 -15.98 -21.03
CA ASP B 112 -5.90 -15.08 -22.16
C ASP B 112 -5.76 -13.62 -21.71
N ILE B 113 -6.63 -13.19 -20.78
CA ILE B 113 -6.51 -11.85 -20.23
C ILE B 113 -5.12 -11.66 -19.63
N ALA B 114 -4.60 -12.71 -19.00
CA ALA B 114 -3.28 -12.61 -18.36
C ALA B 114 -2.21 -12.24 -19.36
N LYS B 115 -2.26 -12.82 -20.57
CA LYS B 115 -1.28 -12.47 -21.59
C LYS B 115 -1.33 -10.98 -21.92
N GLN B 116 -2.54 -10.41 -21.96
CA GLN B 116 -2.66 -8.97 -22.20
C GLN B 116 -2.18 -8.18 -20.99
N ALA B 117 -2.52 -8.62 -19.78
CA ALA B 117 -2.07 -7.91 -18.59
C ALA B 117 -0.55 -7.85 -18.50
N MET B 118 0.13 -8.87 -19.04
CA MET B 118 1.60 -8.89 -18.98
C MET B 118 2.22 -7.72 -19.71
N LYS B 119 1.46 -7.03 -20.56
CA LYS B 119 1.96 -5.90 -21.32
C LYS B 119 1.89 -4.58 -20.55
N LEU B 120 1.26 -4.57 -19.38
CA LEU B 120 1.08 -3.34 -18.63
C LEU B 120 2.36 -2.94 -17.93
N LYS B 121 2.68 -1.64 -17.99
CA LYS B 121 3.71 -1.04 -17.16
C LYS B 121 3.05 -0.02 -16.24
N LEU B 122 2.82 -0.43 -14.99
CA LEU B 122 2.15 0.29 -13.92
C LEU B 122 3.15 1.13 -13.14
N PRO B 123 2.79 2.35 -12.75
CA PRO B 123 3.73 3.22 -12.03
C PRO B 123 3.72 3.04 -10.51
N GLY B 124 2.67 2.43 -9.98
CA GLY B 124 2.59 2.27 -8.54
C GLY B 124 3.63 1.31 -7.99
N ILE B 125 4.06 1.56 -6.75
CA ILE B 125 4.92 0.60 -6.08
C ILE B 125 4.17 -0.73 -6.00
N ASN B 126 4.85 -1.81 -6.37
CA ASN B 126 4.25 -3.14 -6.38
C ASN B 126 4.28 -3.71 -4.98
N CYS B 127 3.12 -3.79 -4.32
CA CYS B 127 3.09 -4.24 -2.93
C CYS B 127 2.09 -5.37 -2.70
N VAL B 128 1.84 -6.20 -3.72
CA VAL B 128 1.11 -7.44 -3.46
C VAL B 128 1.93 -8.36 -2.56
N ASP B 129 3.23 -8.13 -2.49
CA ASP B 129 4.14 -8.85 -1.60
C ASP B 129 5.06 -7.82 -0.96
N ILE B 130 5.00 -7.71 0.36
CA ILE B 130 5.71 -6.64 1.05
C ILE B 130 7.23 -6.80 0.92
N PRO B 131 7.81 -7.99 1.04
CA PRO B 131 9.26 -8.11 0.80
C PRO B 131 9.68 -7.65 -0.59
N THR B 132 8.85 -7.89 -1.60
CA THR B 132 9.15 -7.41 -2.94
C THR B 132 9.21 -5.89 -2.97
N ALA B 133 8.26 -5.23 -2.30
CA ALA B 133 8.26 -3.77 -2.26
C ALA B 133 9.45 -3.23 -1.49
N LEU B 134 9.81 -3.89 -0.38
CA LEU B 134 10.96 -3.45 0.39
C LEU B 134 12.26 -3.60 -0.39
N ALA B 135 12.36 -4.68 -1.18
CA ALA B 135 13.55 -4.87 -2.00
C ALA B 135 13.69 -3.78 -3.04
N PHE B 136 12.57 -3.34 -3.62
CA PHE B 136 12.60 -2.23 -4.56
C PHE B 136 13.10 -0.95 -3.88
N LEU B 137 12.57 -0.64 -2.69
CA LEU B 137 13.00 0.56 -1.98
C LEU B 137 14.47 0.46 -1.59
N GLU B 138 14.91 -0.73 -1.16
CA GLU B 138 16.31 -0.91 -0.80
C GLU B 138 17.22 -0.60 -1.98
N GLU B 139 16.87 -1.15 -3.16
CA GLU B 139 17.69 -0.91 -4.35
C GLU B 139 17.71 0.57 -4.72
N VAL B 140 16.54 1.23 -4.66
CA VAL B 140 16.45 2.63 -5.03
C VAL B 140 17.31 3.49 -4.11
N LEU B 141 17.28 3.20 -2.80
CA LEU B 141 18.07 3.98 -1.86
C LEU B 141 19.56 3.70 -2.03
N ALA B 142 19.94 2.44 -2.23
CA ALA B 142 21.35 2.11 -2.43
C ALA B 142 21.92 2.91 -3.59
N THR B 143 21.13 3.09 -4.66
CA THR B 143 21.57 3.89 -5.78
C THR B 143 21.78 5.34 -5.38
N ALA B 144 20.80 5.92 -4.68
CA ALA B 144 20.88 7.33 -4.32
C ALA B 144 22.04 7.59 -3.37
N LEU B 145 22.32 6.66 -2.46
CA LEU B 145 23.39 6.85 -1.49
C LEU B 145 24.77 6.69 -2.10
N LYS B 146 24.87 6.18 -3.32
CA LYS B 146 26.16 5.98 -3.98
C LYS B 146 26.47 7.05 -5.03
N ASP B 147 25.50 7.85 -5.46
CA ASP B 147 25.76 8.89 -6.48
C ASP B 147 26.25 10.17 -5.80
N THR B 148 27.50 10.10 -5.37
CA THR B 148 28.06 11.19 -4.54
C THR B 148 28.26 12.51 -5.32
N GLU B 149 27.77 12.67 -6.56
CA GLU B 149 27.77 14.00 -7.18
C GLU B 149 27.02 15.01 -6.32
N GLY B 150 25.76 14.71 -6.02
CA GLY B 150 24.89 15.61 -5.29
C GLY B 150 25.33 15.87 -3.87
N SER B 151 24.38 16.34 -3.06
CA SER B 151 24.69 16.87 -1.74
C SER B 151 24.94 15.74 -0.74
N GLN B 152 26.13 15.75 -0.13
CA GLN B 152 26.39 14.83 0.97
C GLN B 152 25.42 15.08 2.13
N ASP B 153 25.13 16.35 2.42
CA ASP B 153 24.17 16.67 3.47
C ASP B 153 22.81 16.05 3.17
N ASP B 154 22.36 16.14 1.92
CA ASP B 154 21.10 15.52 1.54
C ASP B 154 21.14 14.01 1.77
N ARG B 155 22.25 13.37 1.37
CA ARG B 155 22.33 11.92 1.50
C ARG B 155 22.34 11.49 2.96
N MET B 156 23.03 12.24 3.83
CA MET B 156 23.08 11.86 5.24
C MET B 156 21.73 12.06 5.91
N ALA B 157 20.97 13.08 5.50
CA ALA B 157 19.63 13.27 6.04
C ALA B 157 18.69 12.17 5.56
N LEU B 158 18.77 11.81 4.28
CA LEU B 158 17.94 10.73 3.76
C LEU B 158 18.25 9.42 4.45
N LYS B 159 19.54 9.12 4.65
CA LYS B 159 19.92 7.88 5.33
C LYS B 159 19.41 7.86 6.77
N ALA B 160 19.55 8.98 7.49
CA ALA B 160 19.06 9.02 8.86
C ALA B 160 17.55 8.85 8.91
N ASP B 161 16.85 9.57 8.02
CA ASP B 161 15.38 9.51 8.01
C ASP B 161 14.88 8.13 7.62
N THR B 162 15.61 7.44 6.75
CA THR B 162 15.19 6.10 6.35
C THR B 162 15.42 5.09 7.46
N SER B 163 16.56 5.20 8.17
CA SER B 163 16.79 4.32 9.30
C SER B 163 15.72 4.48 10.37
N ALA B 164 15.30 5.73 10.64
CA ALA B 164 14.23 5.95 11.61
C ALA B 164 12.92 5.35 11.12
N ALA B 165 12.64 5.49 9.82
CA ALA B 165 11.41 4.91 9.28
C ALA B 165 11.45 3.39 9.36
N ILE B 166 12.62 2.79 9.13
CA ILE B 166 12.73 1.34 9.24
C ILE B 166 12.49 0.90 10.69
N ASN B 167 13.03 1.63 11.66
CA ASN B 167 12.80 1.29 13.06
C ASN B 167 11.33 1.36 13.42
N HIS B 168 10.62 2.39 12.95
CA HIS B 168 9.19 2.47 13.21
C HIS B 168 8.45 1.31 12.56
N PHE B 169 8.85 0.96 11.33
CA PHE B 169 8.26 -0.19 10.65
C PHE B 169 8.48 -1.47 11.46
N ARG B 170 9.72 -1.69 11.92
CA ARG B 170 10.05 -2.89 12.68
C ARG B 170 9.14 -3.07 13.88
N GLU B 171 8.82 -1.98 14.57
CA GLU B 171 8.02 -2.06 15.79
C GLU B 171 6.71 -2.79 15.55
N MET B 172 6.16 -2.69 14.35
CA MET B 172 4.90 -3.35 14.03
C MET B 172 5.02 -4.87 14.05
N LEU B 173 6.23 -5.40 14.05
CA LEU B 173 6.44 -6.84 13.93
C LEU B 173 6.68 -7.52 15.27
N LYS B 174 6.77 -6.76 16.37
CA LYS B 174 7.04 -7.39 17.67
C LYS B 174 5.74 -7.56 18.46
#